data_2QUD
#
_entry.id   2QUD
#
_cell.length_a   154.985
_cell.length_b   154.985
_cell.length_c   31.631
_cell.angle_alpha   90.00
_cell.angle_beta   90.00
_cell.angle_gamma   120.00
#
_symmetry.space_group_name_H-M   'H 3'
#
loop_
_entity.id
_entity.type
_entity.pdbx_description
1 polymer 'Coat protein'
2 non-polymer GLYCEROL
3 water water
#
_entity_poly.entity_id   1
_entity_poly.type   'polypeptide(L)'
_entity_poly.pdbx_seq_one_letter_code
;GGSMSKTIVLSVGEATRTLTEIQSTADRQIFEEKVGPLVGRLRLTASLRQNGAKTAYRVNLKLDQADVVDSGLPKVRYTQ
VWSHDVTIVANSTEASRKSLYDLTKSLVATSQVEDLVVNLVPLGR
;
_entity_poly.pdbx_strand_id   A,B
#
# COMPACT_ATOMS: atom_id res chain seq x y z
N GLY A 1 13.98 26.33 19.26
CA GLY A 1 12.54 26.68 19.10
C GLY A 1 11.96 26.13 17.82
N GLY A 2 10.65 26.23 17.68
CA GLY A 2 9.93 25.73 16.47
C GLY A 2 9.44 24.32 16.68
N SER A 3 8.63 23.85 15.73
CA SER A 3 8.01 22.54 15.78
CA SER A 3 8.01 22.55 15.79
C SER A 3 9.01 21.41 15.98
N MET A 4 8.59 20.44 16.78
CA MET A 4 9.28 19.19 16.93
C MET A 4 9.29 18.47 15.59
N SER A 5 10.10 17.43 15.50
CA SER A 5 10.13 16.61 14.29
CA SER A 5 10.13 16.63 14.29
C SER A 5 8.77 15.94 14.12
N LYS A 6 8.30 15.94 12.87
CA LYS A 6 7.03 15.34 12.49
CA LYS A 6 7.02 15.35 12.56
C LYS A 6 7.08 13.83 12.67
N THR A 7 5.97 13.23 13.08
CA THR A 7 5.89 11.78 13.20
C THR A 7 4.61 11.22 12.54
N ILE A 8 4.66 9.91 12.33
CA ILE A 8 3.48 9.10 12.02
C ILE A 8 3.56 7.85 12.92
N VAL A 9 2.43 7.53 13.59
CA VAL A 9 2.38 6.45 14.58
C VAL A 9 1.53 5.30 14.04
N LEU A 10 2.14 4.12 13.95
CA LEU A 10 1.48 2.90 13.53
C LEU A 10 1.11 2.11 14.78
N SER A 11 -0.14 1.71 14.87
CA SER A 11 -0.64 0.89 15.98
CA SER A 11 -0.54 0.85 15.99
C SER A 11 -0.82 -0.56 15.51
N VAL A 12 -0.33 -1.53 16.26
CA VAL A 12 -0.73 -2.94 16.19
C VAL A 12 -1.31 -3.42 17.52
N GLY A 13 -2.59 -3.24 17.67
CA GLY A 13 -3.24 -3.44 18.98
C GLY A 13 -2.89 -2.30 19.93
N GLU A 14 -2.55 -2.66 21.18
CA GLU A 14 -1.99 -1.67 22.11
C GLU A 14 -0.61 -1.16 21.71
N ALA A 15 0.16 -1.97 20.95
CA ALA A 15 1.56 -1.62 20.58
C ALA A 15 1.61 -0.51 19.53
N THR A 16 2.65 0.33 19.60
CA THR A 16 2.81 1.43 18.66
C THR A 16 4.24 1.47 18.17
N ARG A 17 4.40 1.89 16.91
CA ARG A 17 5.68 2.07 16.22
C ARG A 17 5.66 3.49 15.70
N THR A 18 6.62 4.32 16.14
CA THR A 18 6.64 5.73 15.76
C THR A 18 7.73 5.94 14.72
N LEU A 19 7.36 6.54 13.59
N LEU A 19 7.34 6.47 13.56
CA LEU A 19 8.31 6.89 12.55
CA LEU A 19 8.24 6.88 12.47
C LEU A 19 8.44 8.39 12.49
C LEU A 19 8.43 8.39 12.61
N THR A 20 9.69 8.85 12.59
CA THR A 20 10.04 10.28 12.70
C THR A 20 10.64 10.79 11.42
N GLU A 21 10.18 11.96 11.02
CA GLU A 21 10.69 12.58 9.79
C GLU A 21 12.16 12.93 9.97
N ILE A 22 12.99 12.43 9.05
CA ILE A 22 14.42 12.74 9.00
C ILE A 22 14.87 13.56 7.77
N GLN A 23 14.01 13.63 6.75
CA GLN A 23 14.26 14.41 5.53
C GLN A 23 12.92 14.89 4.96
N SER A 24 12.90 16.16 4.51
CA SER A 24 11.77 16.72 3.81
C SER A 24 12.35 17.65 2.75
N THR A 25 12.34 17.21 1.51
CA THR A 25 12.93 18.01 0.44
C THR A 25 11.85 18.22 -0.62
N ALA A 26 12.21 18.93 -1.69
CA ALA A 26 11.30 19.14 -2.81
C ALA A 26 10.80 17.79 -3.33
N ASP A 27 11.68 16.78 -3.35
CA ASP A 27 11.35 15.50 -4.00
C ASP A 27 10.72 14.45 -3.10
N ARG A 28 11.07 14.40 -1.83
CA ARG A 28 10.47 13.38 -0.98
C ARG A 28 10.61 13.66 0.50
N GLN A 29 9.81 12.93 1.29
CA GLN A 29 10.01 12.84 2.72
C GLN A 29 10.53 11.47 3.06
N ILE A 30 11.33 11.38 4.12
CA ILE A 30 11.80 10.10 4.66
C ILE A 30 11.51 10.12 6.15
N PHE A 31 10.90 9.06 6.62
CA PHE A 31 10.60 8.86 8.03
C PHE A 31 11.37 7.62 8.47
N GLU A 32 11.90 7.61 9.69
CA GLU A 32 12.60 6.44 10.20
C GLU A 32 12.16 6.16 11.64
N GLU A 33 12.09 4.86 11.98
CA GLU A 33 11.84 4.49 13.34
C GLU A 33 13.13 4.61 14.15
N LYS A 34 13.20 5.61 15.02
CA LYS A 34 14.42 5.91 15.77
C LYS A 34 14.56 5.04 17.01
N VAL A 35 14.77 3.75 16.76
CA VAL A 35 14.93 2.72 17.78
CA VAL A 35 15.02 2.79 17.82
C VAL A 35 16.09 1.84 17.31
N GLY A 36 16.93 1.37 18.21
CA GLY A 36 18.02 0.47 17.84
C GLY A 36 19.15 1.12 17.05
N PRO A 37 20.08 0.32 16.52
CA PRO A 37 21.18 0.92 15.76
C PRO A 37 20.65 1.54 14.49
N LEU A 38 21.42 2.46 13.90
CA LEU A 38 20.92 3.14 12.69
C LEU A 38 20.70 2.20 11.51
N VAL A 39 21.62 1.28 11.32
CA VAL A 39 21.52 0.32 10.26
C VAL A 39 20.32 -0.59 10.56
N GLY A 40 19.44 -0.66 9.59
CA GLY A 40 18.30 -1.53 9.66
C GLY A 40 17.03 -0.92 10.21
N ARG A 41 17.05 0.37 10.55
CA ARG A 41 15.84 1.03 11.04
C ARG A 41 14.78 1.01 9.94
N LEU A 42 13.56 0.74 10.37
CA LEU A 42 12.36 0.82 9.51
C LEU A 42 12.29 2.21 8.92
N ARG A 43 12.05 2.27 7.59
CA ARG A 43 12.02 3.48 6.79
CA ARG A 43 11.93 3.51 6.91
C ARG A 43 10.72 3.59 5.99
N LEU A 44 10.18 4.80 5.91
CA LEU A 44 9.04 5.12 5.04
C LEU A 44 9.42 6.33 4.23
N THR A 45 9.39 6.18 2.90
CA THR A 45 9.65 7.28 2.01
C THR A 45 8.33 7.65 1.36
N ALA A 46 8.08 8.96 1.23
CA ALA A 46 6.81 9.46 0.70
C ALA A 46 7.03 10.61 -0.28
N SER A 47 6.30 10.58 -1.39
CA SER A 47 6.32 11.69 -2.36
C SER A 47 4.92 11.91 -2.89
N LEU A 48 4.70 13.14 -3.35
CA LEU A 48 3.44 13.58 -3.89
C LEU A 48 3.81 14.51 -5.03
N ARG A 49 3.51 14.14 -6.27
N ARG A 49 3.40 14.13 -6.24
CA ARG A 49 3.86 15.00 -7.41
CA ARG A 49 3.73 14.83 -7.47
C ARG A 49 2.74 15.03 -8.45
C ARG A 49 2.45 15.19 -8.20
N GLN A 50 2.52 16.21 -9.04
CA GLN A 50 1.55 16.37 -10.07
C GLN A 50 2.16 15.70 -11.28
N ASN A 51 1.32 15.13 -12.12
CA ASN A 51 1.78 14.75 -13.46
C ASN A 51 2.12 15.97 -14.34
N GLY A 52 2.76 15.70 -15.46
CA GLY A 52 3.15 16.78 -16.33
C GLY A 52 2.04 17.66 -16.82
N ALA A 53 0.92 17.03 -17.18
CA ALA A 53 -0.26 17.72 -17.68
C ALA A 53 -1.06 18.50 -16.63
N LYS A 54 -0.76 18.24 -15.34
CA LYS A 54 -1.46 18.86 -14.20
C LYS A 54 -2.93 18.45 -14.18
N THR A 55 -3.18 17.19 -14.53
CA THR A 55 -4.52 16.60 -14.46
C THR A 55 -4.66 15.53 -13.37
N ALA A 56 -3.55 15.13 -12.75
CA ALA A 56 -3.57 14.08 -11.74
C ALA A 56 -2.40 14.29 -10.81
N TYR A 57 -2.49 13.62 -9.70
CA TYR A 57 -1.41 13.55 -8.71
C TYR A 57 -1.00 12.10 -8.51
N ARG A 58 0.27 11.90 -8.17
CA ARG A 58 0.83 10.59 -7.96
C ARG A 58 1.40 10.61 -6.55
N VAL A 59 0.84 9.75 -5.68
CA VAL A 59 1.36 9.51 -4.34
C VAL A 59 2.19 8.26 -4.35
N ASN A 60 3.44 8.33 -3.88
CA ASN A 60 4.25 7.15 -3.73
C ASN A 60 4.62 7.01 -2.27
N LEU A 61 4.40 5.82 -1.72
CA LEU A 61 4.84 5.48 -0.38
C LEU A 61 5.68 4.23 -0.49
N LYS A 62 6.82 4.18 0.19
CA LYS A 62 7.73 3.00 0.13
C LYS A 62 8.14 2.68 1.56
N LEU A 63 7.63 1.56 2.06
CA LEU A 63 8.03 1.03 3.38
C LEU A 63 9.15 0.00 3.16
N ASP A 64 10.32 0.33 3.73
CA ASP A 64 11.52 -0.50 3.65
C ASP A 64 11.73 -1.10 5.03
N GLN A 65 11.70 -2.44 5.11
CA GLN A 65 11.96 -3.15 6.36
C GLN A 65 13.22 -4.01 6.19
N ALA A 66 14.34 -3.54 6.74
CA ALA A 66 15.59 -4.27 6.69
C ALA A 66 15.56 -5.31 7.78
N ASP A 67 16.23 -6.44 7.53
CA ASP A 67 16.41 -7.47 8.52
C ASP A 67 17.87 -7.49 8.92
N VAL A 68 18.15 -7.45 10.22
CA VAL A 68 19.50 -7.30 10.73
C VAL A 68 19.96 -8.56 11.44
N VAL A 69 21.18 -8.99 11.12
CA VAL A 69 21.83 -10.15 11.72
C VAL A 69 21.84 -9.96 13.25
N ASP A 70 21.40 -11.00 13.99
CA ASP A 70 21.24 -10.94 15.46
C ASP A 70 22.50 -10.52 16.19
N SER A 71 23.60 -11.19 15.87
CA SER A 71 24.87 -11.05 16.58
C SER A 71 25.84 -10.17 15.81
N GLY A 72 26.85 -9.69 16.55
CA GLY A 72 27.89 -8.84 15.99
C GLY A 72 27.39 -7.42 15.78
N LEU A 73 28.22 -6.63 15.10
CA LEU A 73 27.84 -5.25 14.78
C LEU A 73 26.71 -5.29 13.73
N PRO A 74 25.79 -4.33 13.81
CA PRO A 74 24.61 -4.37 12.94
C PRO A 74 24.96 -4.35 11.46
N LYS A 75 24.38 -5.30 10.73
CA LYS A 75 24.50 -5.40 9.28
C LYS A 75 23.15 -5.83 8.71
N VAL A 76 22.74 -5.24 7.59
CA VAL A 76 21.48 -5.64 6.92
C VAL A 76 21.73 -6.96 6.17
N ARG A 77 20.94 -7.96 6.51
CA ARG A 77 20.90 -9.26 5.84
C ARG A 77 20.07 -9.17 4.55
N TYR A 78 18.87 -8.64 4.65
CA TYR A 78 17.99 -8.45 3.48
C TYR A 78 17.00 -7.34 3.83
N THR A 79 16.38 -6.82 2.78
CA THR A 79 15.39 -5.76 2.92
C THR A 79 14.16 -6.17 2.13
N GLN A 80 13.02 -6.08 2.79
CA GLN A 80 11.74 -6.27 2.12
C GLN A 80 11.00 -4.95 2.05
N VAL A 81 10.15 -4.83 1.02
CA VAL A 81 9.59 -3.55 0.62
C VAL A 81 8.09 -3.71 0.33
N TRP A 82 7.29 -2.77 0.79
CA TRP A 82 5.93 -2.62 0.30
C TRP A 82 5.67 -1.21 -0.12
N SER A 83 5.54 -1.04 -1.42
CA SER A 83 5.34 0.30 -1.95
CA SER A 83 5.37 0.27 -2.03
C SER A 83 3.93 0.47 -2.51
N HIS A 84 3.48 1.71 -2.49
CA HIS A 84 2.17 2.15 -2.94
C HIS A 84 2.34 3.19 -4.01
N ASP A 85 1.50 3.11 -5.05
CA ASP A 85 1.50 4.09 -6.11
C ASP A 85 0.02 4.41 -6.31
N VAL A 86 -0.37 5.64 -5.96
CA VAL A 86 -1.78 6.04 -5.98
C VAL A 86 -1.93 7.18 -7.00
N THR A 87 -2.88 7.01 -7.91
CA THR A 87 -3.20 7.97 -8.95
C THR A 87 -4.53 8.60 -8.56
N ILE A 88 -4.47 9.91 -8.28
CA ILE A 88 -5.60 10.70 -7.85
CA ILE A 88 -5.57 10.73 -7.83
C ILE A 88 -5.85 11.77 -8.90
N VAL A 89 -7.06 11.78 -9.46
CA VAL A 89 -7.36 12.64 -10.57
C VAL A 89 -7.80 14.01 -10.07
N ALA A 90 -7.30 15.07 -10.71
CA ALA A 90 -7.49 16.42 -10.18
C ALA A 90 -8.96 16.90 -10.22
N ASN A 91 -9.74 16.42 -11.18
CA ASN A 91 -11.17 16.75 -11.27
CA ASN A 91 -11.17 16.72 -11.30
C ASN A 91 -12.07 15.72 -10.56
N SER A 92 -11.49 14.88 -9.72
CA SER A 92 -12.26 13.85 -9.00
C SER A 92 -13.13 14.40 -7.90
N THR A 93 -14.14 13.62 -7.51
CA THR A 93 -14.91 13.92 -6.33
C THR A 93 -14.21 13.46 -5.07
N GLU A 94 -14.45 14.15 -3.97
CA GLU A 94 -13.97 13.71 -2.66
C GLU A 94 -14.45 12.29 -2.35
N ALA A 95 -15.74 12.00 -2.63
CA ALA A 95 -16.30 10.68 -2.35
C ALA A 95 -15.54 9.58 -3.08
N SER A 96 -15.09 9.86 -4.31
CA SER A 96 -14.35 8.85 -5.09
C SER A 96 -12.95 8.58 -4.52
N ARG A 97 -12.29 9.64 -4.06
CA ARG A 97 -10.97 9.50 -3.42
C ARG A 97 -11.11 8.73 -2.11
N LYS A 98 -12.11 9.11 -1.30
CA LYS A 98 -12.40 8.41 -0.03
CA LYS A 98 -12.47 8.42 -0.05
C LYS A 98 -12.75 6.94 -0.30
N SER A 99 -13.49 6.64 -1.38
CA SER A 99 -13.83 5.28 -1.73
CA SER A 99 -13.83 5.26 -1.70
C SER A 99 -12.58 4.44 -2.06
N LEU A 100 -11.72 5.01 -2.91
CA LEU A 100 -10.46 4.33 -3.28
C LEU A 100 -9.67 3.99 -2.00
N TYR A 101 -9.53 4.97 -1.11
CA TYR A 101 -8.91 4.77 0.18
C TYR A 101 -9.57 3.66 1.02
N ASP A 102 -10.87 3.78 1.22
CA ASP A 102 -11.62 2.84 2.04
C ASP A 102 -11.51 1.42 1.51
N LEU A 103 -11.65 1.29 0.20
CA LEU A 103 -11.51 -0.04 -0.42
C LEU A 103 -10.09 -0.60 -0.29
N THR A 104 -9.09 0.24 -0.39
CA THR A 104 -7.73 -0.22 -0.26
C THR A 104 -7.42 -0.62 1.19
N LYS A 105 -7.86 0.18 2.14
CA LYS A 105 -7.76 -0.15 3.55
C LYS A 105 -8.36 -1.52 3.81
N SER A 106 -9.57 -1.76 3.26
CA SER A 106 -10.22 -3.07 3.38
CA SER A 106 -10.23 -3.07 3.38
C SER A 106 -9.43 -4.19 2.71
N LEU A 107 -9.01 -3.97 1.47
CA LEU A 107 -8.21 -4.96 0.77
C LEU A 107 -6.98 -5.41 1.53
N VAL A 108 -6.17 -4.45 1.98
CA VAL A 108 -4.94 -4.75 2.70
C VAL A 108 -5.26 -5.51 3.97
N ALA A 109 -6.35 -5.14 4.64
CA ALA A 109 -6.77 -5.79 5.89
C ALA A 109 -7.26 -7.23 5.72
N THR A 110 -7.58 -7.68 4.51
CA THR A 110 -8.05 -9.05 4.29
C THR A 110 -7.05 -10.15 4.68
N SER A 111 -7.57 -11.24 5.24
CA SER A 111 -6.72 -12.42 5.49
C SER A 111 -6.15 -12.98 4.18
N GLN A 112 -6.86 -12.81 3.07
CA GLN A 112 -6.33 -13.22 1.75
C GLN A 112 -5.05 -12.50 1.34
N VAL A 113 -5.01 -11.17 1.45
CA VAL A 113 -3.77 -10.42 1.15
CA VAL A 113 -3.75 -10.48 1.10
C VAL A 113 -2.65 -10.81 2.12
N GLU A 114 -3.01 -11.02 3.39
CA GLU A 114 -2.04 -11.46 4.38
C GLU A 114 -1.39 -12.78 3.92
N ASP A 115 -2.21 -13.72 3.46
CA ASP A 115 -1.71 -15.04 3.07
C ASP A 115 -0.88 -14.98 1.78
N LEU A 116 -1.23 -14.03 0.92
CA LEU A 116 -0.48 -13.77 -0.29
C LEU A 116 0.92 -13.28 0.03
N VAL A 117 1.02 -12.29 0.92
CA VAL A 117 2.33 -11.76 1.28
C VAL A 117 3.19 -12.69 2.15
N VAL A 118 2.55 -13.38 3.08
CA VAL A 118 3.28 -14.23 4.01
C VAL A 118 3.57 -15.63 3.40
N ASN A 119 2.61 -16.17 2.65
CA ASN A 119 2.71 -17.55 2.12
C ASN A 119 2.65 -17.69 0.61
N LEU A 120 2.64 -16.57 -0.12
CA LEU A 120 2.58 -16.55 -1.58
C LEU A 120 1.33 -17.27 -2.13
N VAL A 121 0.25 -17.32 -1.32
CA VAL A 121 -0.97 -17.99 -1.75
C VAL A 121 -1.77 -17.04 -2.64
N PRO A 122 -2.13 -17.46 -3.87
CA PRO A 122 -2.89 -16.55 -4.71
C PRO A 122 -4.26 -16.15 -4.12
N LEU A 123 -4.72 -14.95 -4.46
CA LEU A 123 -6.04 -14.47 -3.99
C LEU A 123 -7.19 -15.29 -4.57
N GLY A 124 -8.32 -15.22 -3.86
CA GLY A 124 -9.56 -15.83 -4.31
C GLY A 124 -9.88 -17.08 -3.50
N ARG A 125 -11.05 -17.11 -2.87
CA ARG A 125 -11.52 -18.28 -2.12
C ARG A 125 -12.91 -18.64 -2.55
N SER B 5 -15.12 -18.37 -10.49
CA SER B 5 -16.10 -17.97 -9.45
C SER B 5 -15.53 -17.84 -8.02
N LYS B 6 -14.21 -17.94 -7.85
CA LYS B 6 -13.55 -17.56 -6.58
C LYS B 6 -13.67 -16.04 -6.37
N THR B 7 -13.71 -15.63 -5.10
CA THR B 7 -13.95 -14.24 -4.74
C THR B 7 -13.04 -13.71 -3.63
N ILE B 8 -13.00 -12.38 -3.54
CA ILE B 8 -12.44 -11.67 -2.41
C ILE B 8 -13.46 -10.59 -2.04
N VAL B 9 -13.79 -10.51 -0.75
CA VAL B 9 -14.85 -9.62 -0.26
C VAL B 9 -14.23 -8.48 0.54
N LEU B 10 -14.53 -7.25 0.13
CA LEU B 10 -14.08 -6.03 0.81
C LEU B 10 -15.24 -5.41 1.57
N SER B 11 -15.02 -5.11 2.85
CA SER B 11 -16.02 -4.49 3.70
C SER B 11 -15.64 -3.04 3.95
N VAL B 12 -16.57 -2.12 3.71
CA VAL B 12 -16.42 -0.71 4.05
C VAL B 12 -17.62 -0.39 4.93
N GLY B 13 -17.36 -0.37 6.24
CA GLY B 13 -18.43 -0.33 7.25
C GLY B 13 -19.31 -1.55 7.07
N GLU B 14 -20.62 -1.31 6.96
CA GLU B 14 -21.57 -2.40 6.69
C GLU B 14 -21.84 -2.71 5.21
N ALA B 15 -21.17 -1.99 4.30
CA ALA B 15 -21.22 -2.25 2.86
C ALA B 15 -20.27 -3.40 2.57
N THR B 16 -20.68 -4.32 1.70
CA THR B 16 -19.90 -5.47 1.31
C THR B 16 -19.69 -5.32 -0.18
N ARG B 17 -18.45 -5.50 -0.62
CA ARG B 17 -18.08 -5.34 -2.01
C ARG B 17 -17.37 -6.61 -2.44
N THR B 18 -18.00 -7.37 -3.32
CA THR B 18 -17.53 -8.71 -3.68
C THR B 18 -16.89 -8.65 -5.04
N LEU B 19 -15.60 -9.01 -5.08
CA LEU B 19 -14.82 -9.06 -6.31
CA LEU B 19 -14.89 -9.08 -6.34
C LEU B 19 -14.69 -10.53 -6.73
N THR B 20 -15.08 -10.84 -7.96
CA THR B 20 -15.11 -12.22 -8.47
C THR B 20 -14.01 -12.38 -9.52
N GLU B 21 -13.27 -13.48 -9.44
CA GLU B 21 -12.25 -13.79 -10.43
C GLU B 21 -12.90 -13.99 -11.80
N ILE B 22 -12.51 -13.15 -12.75
CA ILE B 22 -13.00 -13.21 -14.14
C ILE B 22 -11.92 -13.66 -15.14
N GLN B 23 -10.66 -13.67 -14.72
CA GLN B 23 -9.56 -14.12 -15.57
C GLN B 23 -8.42 -14.61 -14.69
N SER B 24 -7.75 -15.67 -15.11
CA SER B 24 -6.65 -16.21 -14.32
C SER B 24 -5.72 -16.95 -15.24
N THR B 25 -4.46 -16.50 -15.29
CA THR B 25 -3.42 -17.19 -16.06
C THR B 25 -2.39 -17.68 -15.04
N ALA B 26 -1.27 -18.21 -15.55
CA ALA B 26 -0.22 -18.84 -14.74
C ALA B 26 0.11 -18.13 -13.45
N ASP B 27 0.31 -16.81 -13.53
CA ASP B 27 0.68 -16.01 -12.36
C ASP B 27 0.03 -14.60 -12.34
N ARG B 28 -1.11 -14.43 -13.03
CA ARG B 28 -1.84 -13.16 -13.05
CA ARG B 28 -1.85 -13.16 -13.07
C ARG B 28 -3.34 -13.41 -13.01
N GLN B 29 -4.05 -12.68 -12.16
CA GLN B 29 -5.46 -12.83 -11.98
C GLN B 29 -6.13 -11.49 -12.06
N ILE B 30 -7.38 -11.48 -12.54
CA ILE B 30 -8.21 -10.29 -12.58
C ILE B 30 -9.51 -10.61 -11.88
N PHE B 31 -9.88 -9.75 -10.93
CA PHE B 31 -11.13 -9.83 -10.21
C PHE B 31 -11.92 -8.58 -10.57
N GLU B 32 -13.23 -8.75 -10.65
CA GLU B 32 -14.14 -7.68 -10.96
C GLU B 32 -15.41 -7.73 -10.10
N GLU B 33 -15.93 -6.55 -9.74
CA GLU B 33 -17.19 -6.47 -9.01
C GLU B 33 -18.30 -6.57 -10.05
N LYS B 34 -18.95 -7.72 -10.11
CA LYS B 34 -19.89 -8.02 -11.19
C LYS B 34 -21.29 -7.47 -10.86
N VAL B 35 -21.39 -6.15 -10.82
CA VAL B 35 -22.60 -5.42 -10.41
C VAL B 35 -22.61 -4.04 -11.05
N GLY B 36 -23.80 -3.44 -11.12
CA GLY B 36 -23.92 -2.07 -11.60
C GLY B 36 -23.80 -1.97 -13.12
N PRO B 37 -23.51 -0.76 -13.64
CA PRO B 37 -23.27 -0.64 -15.07
C PRO B 37 -22.17 -1.59 -15.54
N LEU B 38 -22.31 -2.15 -16.74
CA LEU B 38 -21.21 -2.95 -17.32
C LEU B 38 -19.90 -2.19 -17.42
N VAL B 39 -19.99 -0.88 -17.64
CA VAL B 39 -18.81 -0.04 -17.84
CA VAL B 39 -18.85 0.00 -17.84
C VAL B 39 -18.28 0.40 -16.48
N GLY B 40 -16.95 0.42 -16.39
CA GLY B 40 -16.25 0.89 -15.20
C GLY B 40 -16.46 0.14 -13.89
N ARG B 41 -16.66 -1.18 -13.97
CA ARG B 41 -16.76 -2.00 -12.76
C ARG B 41 -15.42 -2.02 -12.01
N LEU B 42 -15.50 -2.00 -10.68
CA LEU B 42 -14.30 -2.03 -9.83
C LEU B 42 -13.49 -3.26 -10.20
N ARG B 43 -12.17 -3.08 -10.36
CA ARG B 43 -11.29 -4.14 -10.81
C ARG B 43 -10.03 -4.25 -9.94
N LEU B 44 -9.64 -5.49 -9.66
CA LEU B 44 -8.41 -5.79 -8.96
C LEU B 44 -7.59 -6.75 -9.79
N THR B 45 -6.35 -6.38 -10.06
CA THR B 45 -5.44 -7.20 -10.83
C THR B 45 -4.31 -7.59 -9.92
N ALA B 46 -4.00 -8.89 -9.86
CA ALA B 46 -2.95 -9.41 -8.99
C ALA B 46 -1.98 -10.25 -9.78
N SER B 47 -0.70 -10.09 -9.47
CA SER B 47 0.32 -10.97 -10.03
C SER B 47 1.43 -11.28 -9.06
N LEU B 48 2.11 -12.39 -9.36
CA LEU B 48 3.25 -12.85 -8.61
CA LEU B 48 3.26 -12.86 -8.62
C LEU B 48 4.34 -13.25 -9.61
N ARG B 49 5.55 -12.74 -9.42
CA ARG B 49 6.68 -13.12 -10.25
CA ARG B 49 6.68 -13.15 -10.24
C ARG B 49 7.92 -13.29 -9.39
N GLN B 50 8.88 -14.05 -9.90
CA GLN B 50 10.22 -14.11 -9.31
CA GLN B 50 10.22 -14.12 -9.34
C GLN B 50 11.05 -13.05 -10.02
N ASN B 51 12.05 -12.50 -9.32
CA ASN B 51 13.01 -11.61 -9.97
C ASN B 51 13.96 -12.43 -10.86
N GLY B 52 14.76 -11.73 -11.66
CA GLY B 52 15.75 -12.38 -12.54
C GLY B 52 16.74 -13.32 -11.86
N ALA B 53 17.14 -12.97 -10.63
CA ALA B 53 18.07 -13.79 -9.84
C ALA B 53 17.43 -14.98 -9.09
N LYS B 54 16.10 -15.08 -9.09
CA LYS B 54 15.36 -16.09 -8.29
C LYS B 54 15.62 -15.99 -6.76
N THR B 55 15.91 -14.78 -6.29
CA THR B 55 16.19 -14.50 -4.86
C THR B 55 15.06 -13.73 -4.15
N ALA B 56 14.08 -13.25 -4.93
CA ALA B 56 12.93 -12.56 -4.35
C ALA B 56 11.71 -12.77 -5.20
N TYR B 57 10.57 -12.56 -4.56
CA TYR B 57 9.25 -12.57 -5.20
C TYR B 57 8.72 -11.13 -5.24
N ARG B 58 8.04 -10.81 -6.32
CA ARG B 58 7.40 -9.52 -6.51
C ARG B 58 5.90 -9.74 -6.62
N VAL B 59 5.13 -9.19 -5.67
CA VAL B 59 3.69 -9.25 -5.68
C VAL B 59 3.18 -7.90 -6.13
N ASN B 60 2.34 -7.86 -7.17
CA ASN B 60 1.65 -6.61 -7.56
CA ASN B 60 1.67 -6.65 -7.61
C ASN B 60 0.15 -6.74 -7.41
N LEU B 61 -0.47 -5.73 -6.84
CA LEU B 61 -1.93 -5.63 -6.69
C LEU B 61 -2.33 -4.26 -7.22
N LYS B 62 -3.28 -4.20 -8.12
CA LYS B 62 -3.70 -2.94 -8.72
C LYS B 62 -5.21 -2.81 -8.61
N LEU B 63 -5.67 -1.87 -7.80
CA LEU B 63 -7.11 -1.60 -7.67
C LEU B 63 -7.43 -0.41 -8.55
N ASP B 64 -8.28 -0.65 -9.55
CA ASP B 64 -8.71 0.37 -10.51
C ASP B 64 -10.17 0.72 -10.19
N GLN B 65 -10.44 2.00 -9.90
CA GLN B 65 -11.76 2.50 -9.62
C GLN B 65 -12.16 3.56 -10.64
N ALA B 66 -13.04 3.18 -11.54
CA ALA B 66 -13.57 4.08 -12.55
C ALA B 66 -14.71 4.87 -11.95
N ASP B 67 -14.83 6.13 -12.38
CA ASP B 67 -15.98 6.96 -12.07
C ASP B 67 -16.79 7.08 -13.35
N VAL B 68 -18.00 6.53 -13.32
CA VAL B 68 -18.88 6.43 -14.48
C VAL B 68 -19.93 7.51 -14.39
N VAL B 69 -20.16 8.20 -15.51
CA VAL B 69 -21.10 9.31 -15.60
C VAL B 69 -22.18 9.01 -16.63
N PRO B 74 -22.71 5.33 -19.24
CA PRO B 74 -22.11 4.78 -20.45
C PRO B 74 -20.66 5.21 -20.70
N LYS B 75 -20.13 6.11 -19.88
CA LYS B 75 -18.84 6.74 -20.11
C LYS B 75 -18.05 6.81 -18.81
N VAL B 76 -16.83 6.26 -18.81
CA VAL B 76 -15.90 6.47 -17.70
C VAL B 76 -15.32 7.87 -17.87
N ARG B 77 -15.58 8.76 -16.90
CA ARG B 77 -14.96 10.10 -16.98
C ARG B 77 -13.51 10.07 -16.49
N TYR B 78 -13.20 9.27 -15.47
CA TYR B 78 -11.83 9.15 -15.01
C TYR B 78 -11.66 7.86 -14.25
N THR B 79 -10.41 7.44 -14.10
CA THR B 79 -10.05 6.24 -13.28
C THR B 79 -8.98 6.60 -12.30
N GLN B 80 -9.20 6.17 -11.06
CA GLN B 80 -8.20 6.34 -10.00
C GLN B 80 -7.69 4.95 -9.65
N VAL B 81 -6.42 4.90 -9.24
CA VAL B 81 -5.69 3.65 -9.13
C VAL B 81 -4.90 3.64 -7.81
N TRP B 82 -4.95 2.54 -7.09
CA TRP B 82 -4.06 2.32 -5.98
C TRP B 82 -3.38 0.98 -6.19
N SER B 83 -2.09 1.04 -6.51
CA SER B 83 -1.25 -0.11 -6.78
CA SER B 83 -1.32 -0.16 -6.72
C SER B 83 -0.27 -0.40 -5.64
N HIS B 84 0.03 -1.68 -5.43
CA HIS B 84 0.96 -2.19 -4.44
C HIS B 84 2.04 -2.98 -5.14
N ASP B 85 3.29 -2.78 -4.72
CA ASP B 85 4.42 -3.55 -5.22
C ASP B 85 5.15 -4.04 -3.98
N VAL B 86 5.07 -5.34 -3.73
CA VAL B 86 5.64 -5.95 -2.54
C VAL B 86 6.84 -6.82 -2.93
N THR B 87 8.01 -6.53 -2.34
CA THR B 87 9.23 -7.32 -2.58
C THR B 87 9.45 -8.19 -1.38
N ILE B 88 9.36 -9.50 -1.63
CA ILE B 88 9.40 -10.53 -0.60
CA ILE B 88 9.43 -10.51 -0.58
C ILE B 88 10.66 -11.36 -0.85
N VAL B 89 11.60 -11.34 0.09
CA VAL B 89 12.89 -11.99 -0.11
C VAL B 89 12.72 -13.48 0.09
N ALA B 90 13.30 -14.28 -0.82
CA ALA B 90 13.05 -15.71 -0.85
C ALA B 90 13.50 -16.40 0.44
N ASN B 91 14.67 -16.02 0.95
CA ASN B 91 15.17 -16.54 2.23
C ASN B 91 14.80 -15.72 3.49
N SER B 92 13.69 -15.00 3.44
CA SER B 92 13.18 -14.29 4.62
C SER B 92 12.50 -15.21 5.63
N THR B 93 12.39 -14.74 6.88
CA THR B 93 11.59 -15.36 7.92
C THR B 93 10.11 -15.04 7.77
N GLU B 94 9.24 -15.93 8.24
CA GLU B 94 7.80 -15.68 8.29
C GLU B 94 7.49 -14.44 9.13
N ALA B 95 8.15 -14.32 10.28
CA ALA B 95 8.01 -13.15 11.14
C ALA B 95 8.27 -11.84 10.38
N SER B 96 9.31 -11.80 9.52
CA SER B 96 9.63 -10.57 8.78
C SER B 96 8.52 -10.22 7.76
N ARG B 97 7.96 -11.24 7.11
CA ARG B 97 6.89 -11.02 6.13
C ARG B 97 5.60 -10.58 6.82
N LYS B 98 5.28 -11.25 7.93
CA LYS B 98 4.13 -10.89 8.75
C LYS B 98 4.23 -9.44 9.27
N SER B 99 5.43 -9.04 9.68
N SER B 99 5.42 -9.01 9.68
CA SER B 99 5.65 -7.69 10.16
CA SER B 99 5.59 -7.63 10.18
C SER B 99 5.44 -6.66 9.03
C SER B 99 5.50 -6.60 9.05
N LEU B 100 6.02 -6.94 7.85
CA LEU B 100 5.85 -6.06 6.68
C LEU B 100 4.35 -5.87 6.42
N TYR B 101 3.63 -6.97 6.44
CA TYR B 101 2.16 -6.94 6.28
C TYR B 101 1.47 -6.10 7.38
N ASP B 102 1.75 -6.43 8.64
CA ASP B 102 1.07 -5.78 9.78
C ASP B 102 1.34 -4.27 9.82
N LEU B 103 2.58 -3.90 9.51
CA LEU B 103 2.99 -2.48 9.47
C LEU B 103 2.28 -1.76 8.31
N THR B 104 2.11 -2.45 7.20
CA THR B 104 1.41 -1.84 6.09
C THR B 104 -0.08 -1.69 6.30
N LYS B 105 -0.71 -2.71 6.84
CA LYS B 105 -2.11 -2.61 7.24
C LYS B 105 -2.32 -1.40 8.17
N SER B 106 -1.45 -1.24 9.17
CA SER B 106 -1.56 -0.13 10.12
CA SER B 106 -1.54 -0.13 10.13
C SER B 106 -1.35 1.21 9.43
N LEU B 107 -0.35 1.25 8.55
CA LEU B 107 -0.01 2.47 7.80
C LEU B 107 -1.20 2.95 6.97
N VAL B 108 -1.79 2.07 6.21
CA VAL B 108 -2.89 2.43 5.31
C VAL B 108 -4.08 2.89 6.16
N ALA B 109 -4.27 2.29 7.32
CA ALA B 109 -5.39 2.62 8.19
C ALA B 109 -5.26 3.98 8.90
N THR B 110 -4.10 4.62 8.84
CA THR B 110 -3.89 5.86 9.59
C THR B 110 -4.73 6.98 8.99
N SER B 111 -5.15 7.89 9.86
CA SER B 111 -5.81 9.10 9.40
CA SER B 111 -5.76 9.15 9.49
C SER B 111 -4.88 9.92 8.50
N GLN B 112 -3.57 9.89 8.76
CA GLN B 112 -2.63 10.61 7.91
C GLN B 112 -2.65 10.13 6.46
N VAL B 113 -2.66 8.81 6.26
CA VAL B 113 -2.69 8.30 4.88
C VAL B 113 -4.03 8.65 4.24
N GLU B 114 -5.12 8.60 4.98
CA GLU B 114 -6.41 9.08 4.45
C GLU B 114 -6.33 10.54 3.99
N ASP B 115 -5.77 11.40 4.83
CA ASP B 115 -5.64 12.81 4.48
CA ASP B 115 -5.59 12.84 4.53
C ASP B 115 -4.70 13.06 3.29
N LEU B 116 -3.69 12.22 3.12
CA LEU B 116 -2.81 12.32 1.97
C LEU B 116 -3.56 12.03 0.68
N VAL B 117 -4.24 10.90 0.64
CA VAL B 117 -4.94 10.49 -0.56
C VAL B 117 -6.21 11.30 -0.86
N VAL B 118 -6.98 11.65 0.16
CA VAL B 118 -8.26 12.36 -0.01
C VAL B 118 -8.06 13.88 -0.13
N ASN B 119 -7.12 14.41 0.67
CA ASN B 119 -6.94 15.84 0.76
C ASN B 119 -5.56 16.36 0.33
N LEU B 120 -4.68 15.49 -0.15
CA LEU B 120 -3.35 15.86 -0.60
C LEU B 120 -2.50 16.54 0.48
N VAL B 121 -2.68 16.10 1.72
CA VAL B 121 -1.88 16.61 2.84
C VAL B 121 -0.70 15.65 3.07
N PRO B 122 0.55 16.12 2.95
CA PRO B 122 1.67 15.22 3.21
C PRO B 122 1.68 14.60 4.59
N LEU B 123 2.25 13.41 4.70
CA LEU B 123 2.39 12.77 6.00
C LEU B 123 3.23 13.58 6.98
N GLY B 124 3.00 13.31 8.25
CA GLY B 124 3.82 13.85 9.34
C GLY B 124 3.04 14.91 10.08
N ARG B 125 2.94 14.75 11.40
CA ARG B 125 2.24 15.73 12.29
C ARG B 125 3.07 15.96 13.54
#